data_4LGX
#
_entry.id   4LGX
#
_cell.length_a   75.330
_cell.length_b   87.156
_cell.length_c   59.546
_cell.angle_alpha   90.00
_cell.angle_beta   90.00
_cell.angle_gamma   90.00
#
_symmetry.space_group_name_H-M   'P 21 21 2'
#
loop_
_entity.id
_entity.type
_entity.pdbx_description
1 polymer 'Glycoside hydrolase family 18'
2 non-polymer 'ACETATE ION'
3 non-polymer GLYCEROL
4 water water
#
_entity_poly.entity_id   1
_entity_poly.type   'polypeptide(L)'
_entity_poly.pdbx_seq_one_letter_code
;AGMAHAASYLSVGYFNGGGDVTAGPGGDINKLDVTQITHLNYSFGLIYNDEKQETNPALKDPSRLHQIYLSPKV(OMT)A
DLQLLPVLRKQNPELKVLLSVGGWGARGFSGAAATAESRAVFIRSVQQVIKQYHLDGIDLDWEYPVNGAWGLVESQPADR
ANFTLLLAELHKALDKGKLLTIAVGANVKSPQEWVDVKGIAPYLDYINLMTYDMAYGTQYFNSNLYDSKQWPTVAAADRY
SANFVVDNYLAAGLKPAQLNLGIGFYGRVPKRATEPGIDWDKADAAKNPVTQPYFTARETAVFKAMGLDLTKDSYFKYND
IVSKLLNDPQRRFTAHWDSDAQVPYLTMKSAEGKPLFAISYENPRSVALKADYIKSKGLGGAMFWEYGADDNNRLAHQLA
ESLGINGGKQ
;
_entity_poly.pdbx_strand_id   A
#
loop_
_chem_comp.id
_chem_comp.type
_chem_comp.name
_chem_comp.formula
ACT non-polymer 'ACETATE ION' 'C2 H3 O2 -1'
GOL non-polymer GLYCEROL 'C3 H8 O3'
#
# COMPACT_ATOMS: atom_id res chain seq x y z
N ALA A 4 -17.43 -18.12 23.75
CA ALA A 4 -17.94 -19.41 23.20
C ALA A 4 -17.93 -19.52 21.65
N HIS A 5 -17.18 -18.65 20.96
CA HIS A 5 -16.98 -18.77 19.51
C HIS A 5 -15.74 -18.02 19.03
N ALA A 6 -15.18 -18.43 17.90
CA ALA A 6 -14.00 -17.77 17.37
C ALA A 6 -14.30 -16.57 16.51
N ALA A 7 -13.29 -15.78 16.29
CA ALA A 7 -13.45 -14.62 15.44
C ALA A 7 -13.35 -15.02 13.98
N SER A 8 -13.76 -14.13 13.12
CA SER A 8 -13.65 -14.26 11.68
C SER A 8 -12.84 -13.06 11.20
N TYR A 9 -11.85 -13.28 10.36
CA TYR A 9 -10.97 -12.22 9.89
C TYR A 9 -10.93 -12.11 8.38
N LEU A 10 -10.69 -10.91 7.88
CA LEU A 10 -10.46 -10.74 6.47
C LEU A 10 -8.98 -10.90 6.13
N SER A 11 -8.73 -11.33 4.90
CA SER A 11 -7.43 -11.19 4.30
C SER A 11 -7.60 -10.65 2.89
N VAL A 12 -7.25 -9.38 2.72
CA VAL A 12 -7.56 -8.61 1.52
C VAL A 12 -6.26 -8.44 0.75
N GLY A 13 -6.15 -9.12 -0.38
CA GLY A 13 -4.94 -9.07 -1.18
C GLY A 13 -5.07 -8.09 -2.34
N TYR A 14 -4.29 -7.02 -2.33
CA TYR A 14 -4.10 -6.23 -3.56
C TYR A 14 -3.28 -7.05 -4.55
N PHE A 15 -3.58 -6.89 -5.83
CA PHE A 15 -2.80 -7.48 -6.90
C PHE A 15 -2.51 -6.42 -7.95
N ASN A 16 -1.24 -6.17 -8.18
CA ASN A 16 -0.79 -5.22 -9.21
C ASN A 16 -0.87 -5.90 -10.58
N GLY A 17 -2.03 -5.82 -11.19
CA GLY A 17 -2.24 -6.41 -12.50
C GLY A 17 -1.99 -5.46 -13.63
N GLY A 18 -2.34 -4.22 -13.42
CA GLY A 18 -2.20 -3.28 -14.48
C GLY A 18 -0.87 -2.53 -14.57
N GLY A 19 -0.04 -2.65 -13.56
CA GLY A 19 1.17 -1.84 -13.43
C GLY A 19 1.00 -0.76 -12.37
N ASP A 20 2.11 -0.34 -11.77
CA ASP A 20 2.10 0.58 -10.62
C ASP A 20 3.34 1.46 -10.77
N VAL A 21 3.22 2.72 -10.36
CA VAL A 21 4.32 3.69 -10.48
C VAL A 21 5.58 3.23 -9.76
N THR A 22 5.42 2.80 -8.49
CA THR A 22 6.60 2.33 -7.70
C THR A 22 6.92 0.81 -7.85
N ALA A 23 5.87 -0.08 -8.00
CA ALA A 23 6.06 -1.53 -8.05
C ALA A 23 6.34 -2.10 -9.46
N GLY A 24 6.13 -1.31 -10.52
CA GLY A 24 6.45 -1.73 -11.89
C GLY A 24 5.31 -2.38 -12.66
N PRO A 25 5.62 -2.96 -13.85
CA PRO A 25 4.61 -3.63 -14.69
C PRO A 25 3.80 -4.72 -13.98
N GLY A 26 2.60 -4.94 -14.48
CA GLY A 26 1.66 -5.84 -13.85
C GLY A 26 2.11 -7.29 -13.88
N GLY A 27 1.65 -8.07 -12.92
CA GLY A 27 1.99 -9.47 -12.83
C GLY A 27 1.00 -10.35 -13.57
N ASP A 28 1.25 -11.65 -13.49
CA ASP A 28 0.42 -12.67 -14.10
C ASP A 28 -0.66 -13.13 -13.12
N ILE A 29 -1.91 -12.78 -13.43
CA ILE A 29 -3.02 -13.13 -12.53
C ILE A 29 -3.18 -14.64 -12.34
N ASN A 30 -2.67 -15.43 -13.29
CA ASN A 30 -2.86 -16.81 -13.19
C ASN A 30 -2.02 -17.50 -12.14
N LYS A 31 -1.01 -16.85 -11.68
CA LYS A 31 -0.15 -17.36 -10.60
C LYS A 31 -0.77 -17.33 -9.18
N LEU A 32 -1.78 -16.53 -9.00
CA LEU A 32 -2.32 -16.29 -7.68
C LEU A 32 -3.13 -17.44 -7.14
N ASP A 33 -2.99 -17.74 -5.86
CA ASP A 33 -3.84 -18.71 -5.17
C ASP A 33 -4.95 -17.97 -4.45
N VAL A 34 -6.09 -17.89 -5.10
CA VAL A 34 -7.21 -17.12 -4.54
C VAL A 34 -7.96 -17.82 -3.41
N THR A 35 -7.58 -19.06 -3.10
CA THR A 35 -8.16 -19.74 -1.95
C THR A 35 -7.59 -19.22 -0.63
N GLN A 36 -6.50 -18.50 -0.69
CA GLN A 36 -5.87 -17.99 0.55
C GLN A 36 -6.33 -16.64 1.05
N ILE A 37 -7.21 -16.02 0.27
CA ILE A 37 -7.67 -14.67 0.59
C ILE A 37 -9.19 -14.66 0.66
N THR A 38 -9.74 -13.69 1.36
CA THR A 38 -11.18 -13.45 1.35
C THR A 38 -11.61 -12.46 0.26
N HIS A 39 -10.72 -11.51 -0.02
CA HIS A 39 -10.99 -10.45 -0.95
C HIS A 39 -9.76 -10.20 -1.83
N LEU A 40 -10.01 -9.94 -3.12
CA LEU A 40 -8.99 -9.57 -4.08
C LEU A 40 -9.27 -8.14 -4.56
N ASN A 41 -8.31 -7.24 -4.36
CA ASN A 41 -8.36 -5.89 -4.89
C ASN A 41 -7.51 -5.86 -6.16
N TYR A 42 -8.18 -6.03 -7.30
CA TYR A 42 -7.47 -5.95 -8.57
C TYR A 42 -7.07 -4.51 -8.82
N SER A 43 -5.77 -4.26 -9.06
CA SER A 43 -5.23 -2.89 -9.13
C SER A 43 -4.51 -2.64 -10.45
N PHE A 44 -4.66 -1.49 -11.11
CA PHE A 44 -5.54 -0.38 -10.75
C PHE A 44 -6.36 0.07 -11.93
N GLY A 45 -7.58 0.51 -11.66
CA GLY A 45 -8.26 1.46 -12.53
C GLY A 45 -7.65 2.84 -12.31
N LEU A 46 -7.55 3.61 -13.39
CA LEU A 46 -7.05 5.00 -13.33
C LEU A 46 -8.20 5.94 -13.62
N ILE A 47 -7.94 7.25 -13.55
CA ILE A 47 -8.99 8.24 -13.70
C ILE A 47 -8.62 9.21 -14.82
N TYR A 48 -9.51 9.31 -15.80
CA TYR A 48 -9.35 10.32 -16.84
C TYR A 48 -9.39 11.68 -16.17
N ASN A 49 -8.41 12.53 -16.44
CA ASN A 49 -8.26 13.75 -15.68
C ASN A 49 -7.71 14.89 -16.53
N ASP A 50 -7.91 16.10 -16.04
CA ASP A 50 -7.45 17.31 -16.71
C ASP A 50 -6.26 17.96 -16.00
N GLU A 51 -5.52 17.19 -15.20
CA GLU A 51 -4.29 17.71 -14.57
C GLU A 51 -3.23 17.96 -15.65
N LYS A 52 -2.69 19.18 -15.67
CA LYS A 52 -1.77 19.55 -16.71
C LYS A 52 -0.49 18.75 -16.73
N GLN A 53 -0.12 18.21 -15.61
CA GLN A 53 1.10 17.45 -15.51
C GLN A 53 0.96 15.95 -15.81
N GLU A 54 -0.26 15.57 -16.17
CA GLU A 54 -0.52 14.16 -16.53
C GLU A 54 0.31 13.78 -17.74
N THR A 55 1.09 12.71 -17.63
CA THR A 55 1.93 12.26 -18.74
C THR A 55 1.41 10.99 -19.43
N ASN A 56 0.31 10.41 -18.93
CA ASN A 56 -0.34 9.31 -19.63
C ASN A 56 -1.39 9.89 -20.59
N PRO A 57 -1.10 9.92 -21.90
CA PRO A 57 -2.03 10.66 -22.77
C PRO A 57 -3.42 10.04 -22.90
N ALA A 58 -3.57 8.74 -22.62
CA ALA A 58 -4.89 8.12 -22.65
C ALA A 58 -5.81 8.81 -21.63
N LEU A 59 -5.24 9.18 -20.49
CA LEU A 59 -6.04 9.77 -19.43
C LEU A 59 -6.44 11.22 -19.69
N LYS A 60 -5.84 11.82 -20.72
CA LYS A 60 -6.09 13.21 -21.09
C LYS A 60 -7.23 13.36 -22.11
N ASP A 61 -7.93 12.26 -22.42
CA ASP A 61 -9.09 12.32 -23.32
C ASP A 61 -10.19 13.15 -22.67
N PRO A 62 -10.48 14.35 -23.21
CA PRO A 62 -11.45 15.20 -22.53
C PRO A 62 -12.88 14.68 -22.58
N SER A 63 -13.17 13.77 -23.50
CA SER A 63 -14.53 13.24 -23.62
C SER A 63 -14.87 12.25 -22.52
N ARG A 64 -13.87 11.83 -21.75
CA ARG A 64 -14.10 10.89 -20.65
C ARG A 64 -13.69 11.41 -19.27
N LEU A 65 -13.44 12.68 -19.19
CA LEU A 65 -13.03 13.34 -17.95
C LEU A 65 -13.84 12.83 -16.74
N HIS A 66 -13.12 12.41 -15.71
CA HIS A 66 -13.67 11.97 -14.42
C HIS A 66 -14.18 10.52 -14.41
N GLN A 67 -14.10 9.82 -15.54
CA GLN A 67 -14.47 8.41 -15.62
C GLN A 67 -13.26 7.56 -15.28
N ILE A 68 -13.50 6.28 -15.12
CA ILE A 68 -12.46 5.30 -14.85
C ILE A 68 -11.87 4.76 -16.16
N TYR A 69 -10.54 4.71 -16.20
CA TYR A 69 -9.81 4.13 -17.33
C TYR A 69 -9.30 2.73 -16.98
N LEU A 70 -9.61 1.76 -17.84
CA LEU A 70 -9.11 0.40 -17.70
C LEU A 70 -8.23 0.10 -18.91
N SER A 71 -6.97 -0.24 -18.69
CA SER A 71 -6.08 -0.58 -19.79
C SER A 71 -6.48 -1.91 -20.40
N PRO A 72 -5.92 -2.23 -21.57
CA PRO A 72 -6.24 -3.54 -22.14
C PRO A 72 -5.89 -4.73 -21.25
N LYS A 73 -4.76 -4.69 -20.55
CA LYS A 73 -4.44 -5.79 -19.63
C LYS A 73 -5.44 -5.88 -18.49
N VAL A 74 -5.87 -4.73 -17.96
CA VAL A 74 -6.86 -4.75 -16.88
C VAL A 74 -8.16 -5.38 -17.39
N OMT A 75 -8.60 -4.94 -18.61
CA OMT A 75 -9.82 -5.57 -19.14
CB OMT A 75 -10.11 -4.91 -20.51
CG OMT A 75 -10.51 -3.44 -20.39
SD OMT A 75 -10.86 -2.77 -21.99
CE OMT A 75 -11.43 -1.23 -21.59
C OMT A 75 -9.70 -7.10 -19.39
O OMT A 75 -10.62 -7.82 -19.03
OD1 OMT A 75 -11.86 -3.50 -22.55
OD2 OMT A 75 -9.65 -2.66 -22.73
N ALA A 76 -8.53 -7.49 -19.88
CA ALA A 76 -8.33 -8.91 -20.12
C ALA A 76 -8.32 -9.71 -18.83
N ASP A 77 -7.62 -9.19 -17.82
CA ASP A 77 -7.54 -9.88 -16.53
C ASP A 77 -8.92 -9.98 -15.89
N LEU A 78 -9.69 -8.90 -15.94
CA LEU A 78 -11.02 -8.94 -15.35
C LEU A 78 -11.95 -9.95 -16.05
N GLN A 79 -11.65 -10.33 -17.26
CA GLN A 79 -12.39 -11.40 -17.94
C GLN A 79 -12.22 -12.73 -17.28
N LEU A 80 -11.16 -12.87 -16.56
CA LEU A 80 -10.88 -14.15 -15.94
CA LEU A 80 -10.80 -14.14 -15.86
C LEU A 80 -11.58 -14.34 -14.58
N LEU A 81 -12.34 -13.35 -14.13
CA LEU A 81 -12.98 -13.51 -12.82
C LEU A 81 -13.82 -14.78 -12.67
N PRO A 82 -14.56 -15.21 -13.71
CA PRO A 82 -15.31 -16.47 -13.52
C PRO A 82 -14.44 -17.66 -13.14
N VAL A 83 -13.23 -17.73 -13.70
CA VAL A 83 -12.28 -18.78 -13.36
C VAL A 83 -11.84 -18.67 -11.89
N LEU A 84 -11.54 -17.46 -11.43
CA LEU A 84 -11.16 -17.26 -10.03
C LEU A 84 -12.29 -17.61 -9.08
N ARG A 85 -13.52 -17.24 -9.44
CA ARG A 85 -14.67 -17.53 -8.59
C ARG A 85 -14.95 -19.03 -8.51
N LYS A 86 -14.71 -19.74 -9.57
CA LYS A 86 -14.83 -21.19 -9.49
C LYS A 86 -13.78 -21.77 -8.53
N GLN A 87 -12.59 -21.23 -8.54
CA GLN A 87 -11.56 -21.69 -7.62
C GLN A 87 -11.90 -21.44 -6.16
N ASN A 88 -12.46 -20.27 -5.90
CA ASN A 88 -12.89 -19.92 -4.57
C ASN A 88 -14.25 -19.24 -4.62
N PRO A 89 -15.32 -20.01 -4.43
CA PRO A 89 -16.67 -19.46 -4.50
C PRO A 89 -17.00 -18.43 -3.41
N GLU A 90 -16.17 -18.36 -2.39
CA GLU A 90 -16.38 -17.34 -1.35
C GLU A 90 -15.62 -16.03 -1.63
N LEU A 91 -14.75 -16.04 -2.60
CA LEU A 91 -13.96 -14.85 -2.91
C LEU A 91 -14.80 -13.65 -3.31
N LYS A 92 -14.45 -12.49 -2.78
CA LYS A 92 -14.99 -11.24 -3.24
C LYS A 92 -13.91 -10.50 -4.03
N VAL A 93 -14.32 -9.87 -5.13
CA VAL A 93 -13.37 -9.19 -6.00
C VAL A 93 -13.81 -7.72 -6.17
N LEU A 94 -12.89 -6.82 -5.85
CA LEU A 94 -13.07 -5.39 -6.05
C LEU A 94 -12.08 -4.90 -7.08
N LEU A 95 -12.42 -3.81 -7.74
CA LEU A 95 -11.43 -3.02 -8.47
C LEU A 95 -10.94 -1.92 -7.57
N SER A 96 -9.62 -1.76 -7.47
CA SER A 96 -9.06 -0.59 -6.81
CA SER A 96 -9.03 -0.61 -6.82
C SER A 96 -8.75 0.46 -7.86
N VAL A 97 -9.16 1.68 -7.56
CA VAL A 97 -8.94 2.83 -8.41
C VAL A 97 -7.97 3.74 -7.72
N GLY A 98 -6.92 4.13 -8.44
CA GLY A 98 -5.94 5.08 -7.91
C GLY A 98 -4.55 4.45 -7.85
N GLY A 99 -3.94 4.52 -6.68
CA GLY A 99 -2.58 4.06 -6.47
C GLY A 99 -1.60 5.22 -6.41
N TRP A 100 -0.37 4.91 -6.06
CA TRP A 100 0.67 5.92 -5.97
C TRP A 100 0.83 6.64 -7.31
N GLY A 101 0.77 7.98 -7.26
CA GLY A 101 0.95 8.81 -8.44
C GLY A 101 -0.27 8.96 -9.32
N ALA A 102 -1.38 8.28 -8.99
CA ALA A 102 -2.55 8.32 -9.83
C ALA A 102 -3.29 9.64 -9.65
N ARG A 103 -3.42 10.36 -10.75
CA ARG A 103 -4.09 11.66 -10.78
C ARG A 103 -5.60 11.52 -10.94
N GLY A 104 -6.31 12.62 -10.75
CA GLY A 104 -7.71 12.71 -11.06
C GLY A 104 -8.70 12.71 -9.92
N PHE A 105 -8.30 12.27 -8.72
CA PHE A 105 -9.27 12.25 -7.63
C PHE A 105 -9.69 13.66 -7.19
N SER A 106 -8.74 14.58 -7.10
CA SER A 106 -9.10 15.93 -6.60
C SER A 106 -10.16 16.58 -7.49
N GLY A 107 -10.00 16.49 -8.81
CA GLY A 107 -10.98 17.01 -9.74
C GLY A 107 -12.27 16.19 -9.80
N ALA A 108 -12.16 14.87 -9.73
CA ALA A 108 -13.35 14.04 -9.73
C ALA A 108 -14.23 14.33 -8.52
N ALA A 109 -13.61 14.66 -7.38
CA ALA A 109 -14.34 14.87 -6.15
C ALA A 109 -14.91 16.29 -6.02
N ALA A 110 -14.52 17.18 -6.91
CA ALA A 110 -14.64 18.62 -6.64
C ALA A 110 -16.05 19.19 -6.72
N THR A 111 -16.89 18.65 -7.58
CA THR A 111 -18.24 19.20 -7.76
C THR A 111 -19.30 18.11 -7.78
N ALA A 112 -20.55 18.50 -7.59
CA ALA A 112 -21.66 17.58 -7.73
C ALA A 112 -21.62 16.90 -9.09
N GLU A 113 -21.40 17.74 -10.04
CA GLU A 113 -21.32 17.17 -11.50
CA GLU A 113 -21.34 17.21 -11.37
C GLU A 113 -20.16 16.12 -11.80
N SER A 114 -19.00 16.52 -11.24
CA SER A 114 -17.84 15.63 -11.45
C SER A 114 -18.03 14.34 -10.66
N ARG A 115 -18.51 14.45 -9.44
CA ARG A 115 -18.74 13.26 -8.67
C ARG A 115 -19.77 12.32 -9.31
N ALA A 116 -20.80 12.92 -9.87
CA ALA A 116 -21.84 12.12 -10.52
C ALA A 116 -21.29 11.35 -11.71
N VAL A 117 -20.40 11.98 -12.48
CA VAL A 117 -19.73 11.29 -13.58
C VAL A 117 -18.88 10.13 -13.06
N PHE A 118 -18.08 10.40 -12.05
CA PHE A 118 -17.20 9.35 -11.51
C PHE A 118 -18.04 8.18 -10.99
N ILE A 119 -19.09 8.48 -10.24
CA ILE A 119 -19.96 7.45 -9.67
C ILE A 119 -20.69 6.65 -10.76
N ARG A 120 -21.15 7.30 -11.79
CA ARG A 120 -21.74 6.56 -12.88
C ARG A 120 -20.74 5.60 -13.51
N SER A 121 -19.51 6.04 -13.64
CA SER A 121 -18.45 5.19 -14.19
C SER A 121 -18.14 4.00 -13.29
N VAL A 122 -18.06 4.24 -11.98
CA VAL A 122 -17.93 3.14 -11.02
C VAL A 122 -19.04 2.10 -11.23
N GLN A 123 -20.28 2.59 -11.33
CA GLN A 123 -21.43 1.70 -11.50
C GLN A 123 -21.35 0.90 -12.79
N GLN A 124 -20.91 1.56 -13.86
CA GLN A 124 -20.77 0.94 -15.17
C GLN A 124 -19.75 -0.18 -15.12
N VAL A 125 -18.62 0.07 -14.47
CA VAL A 125 -17.54 -0.89 -14.40
C VAL A 125 -17.92 -2.09 -13.52
N ILE A 126 -18.54 -1.83 -12.38
CA ILE A 126 -19.02 -2.89 -11.51
C ILE A 126 -19.96 -3.81 -12.28
N LYS A 127 -20.86 -3.23 -13.06
CA LYS A 127 -21.84 -4.04 -13.79
CA LYS A 127 -21.84 -4.04 -13.79
C LYS A 127 -21.23 -4.77 -14.97
N GLN A 128 -20.35 -4.11 -15.71
CA GLN A 128 -19.75 -4.74 -16.88
C GLN A 128 -18.90 -5.95 -16.48
N TYR A 129 -18.12 -5.80 -15.41
CA TYR A 129 -17.17 -6.83 -15.05
C TYR A 129 -17.61 -7.67 -13.87
N HIS A 130 -18.82 -7.40 -13.38
CA HIS A 130 -19.41 -8.18 -12.30
C HIS A 130 -18.53 -8.23 -11.04
N LEU A 131 -18.23 -7.02 -10.58
CA LEU A 131 -17.41 -6.84 -9.40
C LEU A 131 -18.25 -6.82 -8.14
N ASP A 132 -17.66 -7.24 -7.04
CA ASP A 132 -18.30 -7.16 -5.74
C ASP A 132 -18.22 -5.79 -5.08
N GLY A 133 -17.39 -4.91 -5.61
CA GLY A 133 -17.27 -3.58 -5.05
C GLY A 133 -16.12 -2.80 -5.62
N ILE A 134 -15.86 -1.68 -4.96
CA ILE A 134 -14.88 -0.74 -5.40
C ILE A 134 -14.03 -0.28 -4.21
N ASP A 135 -12.72 -0.17 -4.43
CA ASP A 135 -11.78 0.32 -3.45
C ASP A 135 -11.14 1.59 -4.01
N LEU A 136 -11.13 2.67 -3.25
CA LEU A 136 -10.50 3.93 -3.70
C LEU A 136 -9.19 4.12 -2.95
N ASP A 137 -8.11 4.29 -3.73
CA ASP A 137 -6.76 4.42 -3.21
CA ASP A 137 -6.77 4.45 -3.19
C ASP A 137 -6.23 5.79 -3.67
N TRP A 138 -6.68 6.83 -2.99
CA TRP A 138 -6.33 8.21 -3.32
C TRP A 138 -5.10 8.60 -2.51
N GLU A 139 -3.99 8.84 -3.20
CA GLU A 139 -2.72 9.09 -2.53
C GLU A 139 -2.22 10.51 -2.89
N TYR A 140 -2.66 11.57 -2.21
CA TYR A 140 -3.53 11.59 -1.04
C TYR A 140 -4.37 12.84 -1.09
N PRO A 141 -5.59 12.79 -0.53
CA PRO A 141 -6.35 14.04 -0.42
C PRO A 141 -5.58 15.09 0.37
N VAL A 142 -5.74 16.34 -0.05
CA VAL A 142 -5.19 17.54 0.61
C VAL A 142 -3.68 17.66 0.55
N ASN A 143 -2.98 16.59 0.47
CA ASN A 143 -1.52 16.59 0.56
C ASN A 143 -0.98 16.37 -0.84
N GLY A 144 -1.71 15.58 -1.60
CA GLY A 144 -1.31 15.32 -3.00
C GLY A 144 -0.03 14.55 -3.13
N ALA A 145 0.35 13.80 -2.10
CA ALA A 145 1.64 13.11 -2.06
C ALA A 145 2.75 14.10 -2.32
N TRP A 146 2.66 15.19 -1.59
CA TRP A 146 3.69 16.20 -1.67
C TRP A 146 3.89 16.76 -3.08
N GLY A 147 2.79 16.96 -3.80
CA GLY A 147 2.80 17.56 -5.12
C GLY A 147 2.84 16.60 -6.29
N LEU A 148 2.82 15.30 -6.03
CA LEU A 148 2.85 14.31 -7.09
C LEU A 148 1.53 14.26 -7.87
N VAL A 149 0.41 14.57 -7.22
CA VAL A 149 -0.89 14.72 -7.87
C VAL A 149 -1.50 16.05 -7.43
N GLU A 150 -2.44 16.56 -8.17
CA GLU A 150 -3.14 17.79 -7.78
C GLU A 150 -3.93 17.59 -6.49
N SER A 151 -3.98 18.64 -5.70
CA SER A 151 -4.69 18.57 -4.44
C SER A 151 -5.16 19.96 -4.05
N GLN A 152 -6.02 19.99 -3.05
CA GLN A 152 -6.52 21.25 -2.48
C GLN A 152 -7.11 20.95 -1.11
N PRO A 153 -7.22 21.97 -0.28
CA PRO A 153 -7.74 21.70 1.06
C PRO A 153 -9.17 21.21 1.09
N ALA A 154 -9.96 21.58 0.09
CA ALA A 154 -11.32 21.03 -0.02
C ALA A 154 -11.39 19.54 -0.26
N ASP A 155 -10.27 18.90 -0.61
CA ASP A 155 -10.26 17.46 -0.85
C ASP A 155 -10.81 16.68 0.33
N ARG A 156 -10.58 17.13 1.56
CA ARG A 156 -11.03 16.35 2.72
CA ARG A 156 -11.03 16.35 2.72
C ARG A 156 -12.55 16.28 2.72
N ALA A 157 -13.19 17.42 2.65
CA ALA A 157 -14.65 17.46 2.63
C ALA A 157 -15.23 16.86 1.35
N ASN A 158 -14.56 17.09 0.23
CA ASN A 158 -15.03 16.55 -1.03
C ASN A 158 -14.93 15.02 -1.08
N PHE A 159 -13.92 14.45 -0.44
CA PHE A 159 -13.80 12.98 -0.36
C PHE A 159 -14.97 12.42 0.43
N THR A 160 -15.33 13.08 1.52
CA THR A 160 -16.48 12.69 2.31
C THR A 160 -17.75 12.72 1.46
N LEU A 161 -17.95 13.79 0.70
CA LEU A 161 -19.11 13.87 -0.22
C LEU A 161 -19.07 12.76 -1.26
N LEU A 162 -17.92 12.49 -1.84
CA LEU A 162 -17.81 11.44 -2.85
C LEU A 162 -18.19 10.09 -2.24
N LEU A 163 -17.66 9.79 -1.09
CA LEU A 163 -17.97 8.52 -0.43
C LEU A 163 -19.44 8.42 -0.01
N ALA A 164 -20.02 9.50 0.50
CA ALA A 164 -21.44 9.50 0.86
C ALA A 164 -22.28 9.23 -0.38
N GLU A 165 -21.96 9.90 -1.49
CA GLU A 165 -22.73 9.76 -2.72
C GLU A 165 -22.51 8.42 -3.38
N LEU A 166 -21.30 7.90 -3.31
CA LEU A 166 -21.04 6.59 -3.89
C LEU A 166 -21.75 5.50 -3.08
N HIS A 167 -21.73 5.62 -1.75
CA HIS A 167 -22.46 4.72 -0.88
C HIS A 167 -23.95 4.69 -1.23
N LYS A 168 -24.53 5.85 -1.47
CA LYS A 168 -25.92 5.96 -1.89
C LYS A 168 -26.18 5.29 -3.25
N ALA A 169 -25.28 5.44 -4.19
CA ALA A 169 -25.46 4.91 -5.55
C ALA A 169 -25.22 3.40 -5.69
N LEU A 170 -24.32 2.85 -4.88
CA LEU A 170 -23.99 1.41 -5.01
C LEU A 170 -25.18 0.56 -4.68
N ASP A 171 -25.32 -0.56 -5.39
CA ASP A 171 -26.33 -1.50 -5.05
C ASP A 171 -26.09 -2.00 -3.64
N LYS A 172 -27.17 -2.35 -2.98
CA LYS A 172 -27.02 -2.85 -1.67
C LYS A 172 -26.22 -4.12 -1.77
N GLY A 173 -25.37 -4.36 -0.80
CA GLY A 173 -24.51 -5.52 -0.80
C GLY A 173 -23.15 -5.34 -1.46
N LYS A 174 -23.02 -4.34 -2.33
CA LYS A 174 -21.70 -4.03 -2.90
C LYS A 174 -20.82 -3.41 -1.83
N LEU A 175 -19.52 -3.67 -1.98
CA LEU A 175 -18.53 -3.17 -1.05
C LEU A 175 -17.92 -1.82 -1.52
N LEU A 176 -17.70 -0.97 -0.53
CA LEU A 176 -16.99 0.30 -0.71
C LEU A 176 -15.90 0.39 0.33
N THR A 177 -14.65 0.42 -0.11
CA THR A 177 -13.52 0.44 0.77
C THR A 177 -12.53 1.49 0.30
N ILE A 178 -11.61 1.86 1.18
CA ILE A 178 -10.52 2.75 0.83
C ILE A 178 -9.23 2.29 1.44
N ALA A 179 -8.13 2.74 0.83
CA ALA A 179 -6.80 2.65 1.42
C ALA A 179 -6.39 4.01 1.95
N VAL A 180 -5.70 4.01 3.08
CA VAL A 180 -5.28 5.25 3.73
C VAL A 180 -3.81 5.17 4.14
N GLY A 181 -3.18 6.34 4.21
CA GLY A 181 -1.75 6.44 4.45
C GLY A 181 -1.29 6.25 5.89
N ALA A 182 0.00 5.95 6.03
CA ALA A 182 0.61 5.80 7.33
C ALA A 182 0.80 7.15 8.02
N ASN A 183 0.98 8.21 7.26
CA ASN A 183 1.34 9.51 7.81
C ASN A 183 0.34 9.95 8.86
N VAL A 184 0.83 10.48 9.97
CA VAL A 184 -0.03 10.95 11.08
C VAL A 184 -1.00 12.05 10.62
N LYS A 185 -0.61 12.75 9.60
CA LYS A 185 -1.51 13.77 9.08
C LYS A 185 -2.70 13.24 8.32
N SER A 186 -2.63 12.00 7.91
CA SER A 186 -3.75 11.43 7.19
C SER A 186 -5.07 11.50 8.00
N PRO A 187 -5.12 10.84 9.18
CA PRO A 187 -6.35 11.01 9.98
C PRO A 187 -6.52 12.46 10.53
N GLN A 188 -5.43 13.17 10.81
CA GLN A 188 -5.48 14.55 11.31
C GLN A 188 -6.01 15.61 10.37
N GLU A 189 -5.53 15.58 9.15
CA GLU A 189 -5.76 16.63 8.20
C GLU A 189 -6.24 16.26 6.83
N TRP A 190 -6.01 15.05 6.39
CA TRP A 190 -6.28 14.73 4.99
C TRP A 190 -7.64 14.09 4.79
N VAL A 191 -8.03 13.24 5.74
CA VAL A 191 -9.19 12.38 5.58
C VAL A 191 -10.00 12.45 6.85
N ASP A 192 -11.30 12.70 6.72
CA ASP A 192 -12.22 12.72 7.86
C ASP A 192 -12.66 11.29 8.15
N VAL A 193 -11.79 10.55 8.82
CA VAL A 193 -12.04 9.12 9.00
C VAL A 193 -13.33 8.85 9.78
N LYS A 194 -13.59 9.63 10.80
CA LYS A 194 -14.82 9.46 11.54
C LYS A 194 -16.05 9.77 10.73
N GLY A 195 -15.96 10.80 9.94
CA GLY A 195 -17.07 11.18 9.09
C GLY A 195 -17.41 10.20 7.97
N ILE A 196 -16.40 9.52 7.43
CA ILE A 196 -16.64 8.60 6.32
C ILE A 196 -16.85 7.16 6.76
N ALA A 197 -16.54 6.84 8.02
CA ALA A 197 -16.68 5.46 8.50
C ALA A 197 -18.04 4.83 8.20
N PRO A 198 -19.15 5.55 8.36
CA PRO A 198 -20.43 4.90 8.09
C PRO A 198 -20.67 4.45 6.66
N TYR A 199 -19.88 4.98 5.72
CA TYR A 199 -20.05 4.67 4.31
C TYR A 199 -19.21 3.48 3.86
N LEU A 200 -18.30 2.99 4.71
CA LEU A 200 -17.24 2.06 4.28
C LEU A 200 -17.40 0.71 4.94
N ASP A 201 -17.25 -0.33 4.15
CA ASP A 201 -17.23 -1.68 4.70
C ASP A 201 -16.03 -1.96 5.57
N TYR A 202 -14.88 -1.49 5.14
CA TYR A 202 -13.64 -1.57 5.92
C TYR A 202 -12.63 -0.60 5.33
N ILE A 203 -11.55 -0.37 6.07
CA ILE A 203 -10.52 0.59 5.73
C ILE A 203 -9.19 -0.14 5.75
N ASN A 204 -8.45 -0.01 4.65
CA ASN A 204 -7.16 -0.68 4.46
C ASN A 204 -6.03 0.27 4.83
N LEU A 205 -5.36 -0.01 5.91
CA LEU A 205 -4.25 0.81 6.37
C LEU A 205 -2.93 0.52 5.72
N MET A 206 -2.34 1.48 5.08
CA MET A 206 -1.06 1.28 4.41
CA MET A 206 -1.03 1.27 4.44
C MET A 206 0.10 1.38 5.41
N THR A 207 0.21 0.39 6.31
CA THR A 207 1.19 0.32 7.41
C THR A 207 2.52 -0.26 6.89
N TYR A 208 3.09 0.47 5.96
CA TYR A 208 4.32 0.11 5.30
C TYR A 208 4.87 1.36 4.61
N ASP A 209 5.96 1.24 3.84
CA ASP A 209 6.64 2.39 3.22
C ASP A 209 7.17 3.35 4.28
N MET A 210 7.77 2.78 5.31
CA MET A 210 8.33 3.58 6.41
C MET A 210 9.85 3.74 6.32
N ALA A 211 10.50 3.12 5.34
CA ALA A 211 11.98 3.19 5.22
C ALA A 211 12.48 4.42 4.47
N TYR A 212 12.11 5.59 5.01
CA TYR A 212 12.42 6.89 4.44
C TYR A 212 13.09 7.74 5.52
N GLY A 213 13.71 8.84 5.07
CA GLY A 213 14.38 9.75 5.98
C GLY A 213 15.44 9.04 6.80
N THR A 214 15.33 9.18 8.10
CA THR A 214 16.26 8.58 9.04
C THR A 214 15.82 7.22 9.59
N GLN A 215 14.77 6.63 9.03
CA GLN A 215 14.29 5.33 9.52
C GLN A 215 14.81 4.16 8.65
N TYR A 216 15.30 3.13 9.32
CA TYR A 216 15.79 1.94 8.61
C TYR A 216 14.68 0.99 8.14
N PHE A 217 13.67 0.78 8.97
CA PHE A 217 12.68 -0.28 8.73
C PHE A 217 11.48 0.19 7.90
N ASN A 218 11.01 -0.71 7.04
CA ASN A 218 9.93 -0.38 6.13
C ASN A 218 8.54 -0.70 6.66
N SER A 219 8.44 -1.69 7.54
CA SER A 219 7.15 -2.19 7.99
C SER A 219 7.26 -2.82 9.36
N ASN A 220 8.17 -2.29 10.19
CA ASN A 220 8.29 -2.72 11.57
C ASN A 220 6.96 -2.61 12.29
N LEU A 221 6.66 -3.60 13.12
CA LEU A 221 5.44 -3.55 13.93
C LEU A 221 5.57 -2.53 15.09
N TYR A 222 6.72 -2.57 15.76
CA TYR A 222 7.08 -1.64 16.83
C TYR A 222 8.41 -1.02 16.46
N ASP A 223 8.81 0.04 17.15
CA ASP A 223 10.11 0.67 16.86
C ASP A 223 11.27 -0.26 17.14
N SER A 224 12.28 -0.23 16.26
CA SER A 224 13.55 -0.89 16.54
C SER A 224 14.32 -0.11 17.59
N LYS A 225 14.97 -0.81 18.50
CA LYS A 225 15.97 -0.24 19.42
C LYS A 225 17.40 -0.43 18.94
N GLN A 226 17.69 -1.52 18.28
CA GLN A 226 19.03 -1.76 17.76
C GLN A 226 19.34 -0.84 16.58
N TRP A 227 18.32 -0.51 15.80
CA TRP A 227 18.46 0.30 14.59
C TRP A 227 17.46 1.45 14.65
N PRO A 228 17.69 2.40 15.56
CA PRO A 228 16.64 3.38 15.85
C PRO A 228 16.56 4.49 14.82
N THR A 229 15.35 4.95 14.55
CA THR A 229 15.12 6.16 13.79
C THR A 229 15.57 7.37 14.59
N VAL A 230 16.17 8.36 13.91
CA VAL A 230 16.76 9.51 14.60
C VAL A 230 15.83 10.72 14.70
N ALA A 231 15.22 11.11 13.59
CA ALA A 231 14.35 12.28 13.57
C ALA A 231 12.93 11.88 13.93
N ALA A 232 12.32 12.64 14.83
CA ALA A 232 10.97 12.32 15.30
C ALA A 232 9.94 12.18 14.20
N ALA A 233 9.97 13.06 13.21
CA ALA A 233 8.99 13.03 12.13
C ALA A 233 9.10 11.82 11.25
N ASP A 234 10.21 11.11 11.38
CA ASP A 234 10.40 9.86 10.63
C ASP A 234 10.07 8.60 11.41
N ARG A 235 9.79 8.75 12.69
CA ARG A 235 9.70 7.58 13.57
C ARG A 235 8.31 6.97 13.46
N TYR A 236 8.21 5.87 12.72
CA TYR A 236 6.94 5.18 12.45
C TYR A 236 7.06 3.71 12.75
N SER A 237 5.92 3.11 13.03
CA SER A 237 5.76 1.67 13.15
C SER A 237 4.32 1.37 12.81
N ALA A 238 4.02 0.12 12.47
CA ALA A 238 2.63 -0.24 12.15
C ALA A 238 1.71 -0.01 13.34
N ASN A 239 2.19 -0.34 14.54
CA ASN A 239 1.37 -0.11 15.75
C ASN A 239 1.10 1.34 15.98
N PHE A 240 2.11 2.22 15.81
CA PHE A 240 1.95 3.67 15.95
C PHE A 240 0.86 4.17 15.00
N VAL A 241 0.87 3.70 13.76
CA VAL A 241 -0.12 4.11 12.79
C VAL A 241 -1.50 3.66 13.23
N VAL A 242 -1.64 2.40 13.62
CA VAL A 242 -2.94 1.89 14.11
C VAL A 242 -3.44 2.78 15.24
N ASP A 243 -2.51 3.12 16.19
CA ASP A 243 -2.99 3.92 17.32
C ASP A 243 -3.38 5.29 16.92
N ASN A 244 -2.72 5.89 15.94
N ASN A 244 -2.76 5.89 15.92
CA ASN A 244 -3.15 7.20 15.43
CA ASN A 244 -3.26 7.19 15.43
C ASN A 244 -4.56 7.14 14.79
C ASN A 244 -4.63 7.10 14.83
N TYR A 245 -4.91 6.07 14.06
CA TYR A 245 -6.22 5.92 13.51
C TYR A 245 -7.24 5.65 14.60
N LEU A 246 -6.94 4.86 15.59
CA LEU A 246 -7.86 4.63 16.73
C LEU A 246 -8.10 5.93 17.50
N ALA A 247 -7.07 6.76 17.65
CA ALA A 247 -7.21 8.06 18.35
C ALA A 247 -8.15 9.00 17.63
N ALA A 248 -8.22 8.85 16.30
CA ALA A 248 -9.10 9.67 15.47
C ALA A 248 -10.55 9.20 15.50
N GLY A 249 -10.82 8.08 16.17
CA GLY A 249 -12.18 7.61 16.42
C GLY A 249 -12.68 6.47 15.56
N LEU A 250 -11.79 5.80 14.84
CA LEU A 250 -12.15 4.55 14.16
C LEU A 250 -12.17 3.37 15.12
N LYS A 251 -13.07 2.44 14.90
CA LYS A 251 -13.13 1.20 15.67
C LYS A 251 -12.19 0.16 15.06
N PRO A 252 -11.50 -0.58 15.90
CA PRO A 252 -10.53 -1.52 15.35
C PRO A 252 -11.12 -2.54 14.39
N ALA A 253 -12.35 -2.99 14.60
CA ALA A 253 -12.93 -4.03 13.75
C ALA A 253 -13.10 -3.57 12.30
N GLN A 254 -13.11 -2.26 12.06
CA GLN A 254 -13.28 -1.74 10.71
C GLN A 254 -11.98 -1.69 9.94
N LEU A 255 -10.87 -1.91 10.63
CA LEU A 255 -9.53 -1.71 10.06
C LEU A 255 -8.87 -3.01 9.65
N ASN A 256 -8.24 -2.99 8.48
CA ASN A 256 -7.32 -4.03 8.08
C ASN A 256 -5.89 -3.54 8.17
N LEU A 257 -5.05 -4.31 8.83
CA LEU A 257 -3.63 -3.99 8.91
C LEU A 257 -2.94 -4.35 7.61
N GLY A 258 -2.38 -3.37 6.91
CA GLY A 258 -1.62 -3.62 5.68
C GLY A 258 -0.27 -4.26 5.98
N ILE A 259 0.05 -5.25 5.17
CA ILE A 259 1.29 -5.99 5.27
C ILE A 259 1.97 -5.95 3.89
N GLY A 260 3.25 -5.65 3.92
CA GLY A 260 4.04 -5.53 2.71
C GLY A 260 4.70 -6.83 2.31
N PHE A 261 4.34 -7.33 1.13
CA PHE A 261 5.01 -8.50 0.54
C PHE A 261 6.21 -8.02 -0.29
N TYR A 262 6.99 -7.13 0.32
CA TYR A 262 8.15 -6.51 -0.31
C TYR A 262 8.94 -5.84 0.79
N GLY A 263 10.14 -5.37 0.42
CA GLY A 263 10.96 -4.57 1.30
C GLY A 263 11.45 -3.35 0.58
N ARG A 264 12.11 -2.45 1.32
CA ARG A 264 12.80 -1.30 0.73
C ARG A 264 14.19 -1.15 1.30
N VAL A 265 15.14 -0.81 0.44
CA VAL A 265 16.41 -0.32 0.91
C VAL A 265 16.17 1.04 1.53
N PRO A 266 16.59 1.27 2.78
CA PRO A 266 16.25 2.57 3.38
C PRO A 266 16.93 3.72 2.67
N LYS A 267 16.25 4.86 2.61
CA LYS A 267 16.86 6.05 2.03
C LYS A 267 18.09 6.45 2.82
N ARG A 268 18.14 6.10 4.08
CA ARG A 268 19.25 6.43 4.95
C ARG A 268 20.57 5.84 4.43
N ALA A 269 20.46 4.77 3.70
CA ALA A 269 21.66 4.16 3.12
C ALA A 269 22.33 5.04 2.07
N THR A 270 21.55 5.84 1.36
CA THR A 270 22.07 6.55 0.20
C THR A 270 21.88 8.07 0.19
N GLU A 271 21.10 8.60 1.12
CA GLU A 271 20.82 10.01 1.18
C GLU A 271 20.96 10.54 2.58
N PRO A 272 21.52 11.73 2.76
CA PRO A 272 21.57 12.32 4.09
C PRO A 272 20.17 12.45 4.69
N GLY A 273 20.07 12.18 5.99
CA GLY A 273 18.81 12.28 6.71
C GLY A 273 18.73 13.59 7.45
N ILE A 274 17.69 14.36 7.13
CA ILE A 274 17.47 15.69 7.70
C ILE A 274 16.41 15.64 8.79
N ASP A 275 16.70 16.27 9.93
CA ASP A 275 15.71 16.45 11.00
C ASP A 275 15.27 17.91 10.95
N TRP A 276 14.10 18.17 10.41
CA TRP A 276 13.61 19.52 10.19
C TRP A 276 13.26 20.25 11.47
N ASP A 277 13.26 19.51 12.56
CA ASP A 277 13.13 20.09 13.87
C ASP A 277 14.48 20.58 14.46
N LYS A 278 15.58 20.47 13.70
CA LYS A 278 16.89 20.97 14.12
C LYS A 278 17.23 22.34 13.51
N ALA A 279 18.13 23.05 14.17
CA ALA A 279 18.69 24.33 13.67
C ALA A 279 19.40 24.13 12.32
N ASP A 280 19.08 24.97 11.35
CA ASP A 280 19.74 24.98 10.04
C ASP A 280 19.80 23.54 9.51
N ALA A 281 18.62 22.92 9.45
CA ALA A 281 18.49 21.47 9.30
C ALA A 281 19.14 20.89 8.05
N ALA A 282 18.87 21.50 6.90
CA ALA A 282 19.34 20.98 5.61
C ALA A 282 20.87 20.95 5.52
N LYS A 283 21.54 21.81 6.26
CA LYS A 283 22.98 21.86 6.29
C LYS A 283 23.65 21.02 7.30
N ASN A 284 22.88 20.39 8.19
CA ASN A 284 23.38 19.72 9.36
C ASN A 284 22.62 18.38 9.44
N PRO A 285 22.88 17.49 8.52
CA PRO A 285 22.10 16.25 8.54
C PRO A 285 22.37 15.44 9.79
N VAL A 286 21.36 14.73 10.26
CA VAL A 286 21.50 13.97 11.48
C VAL A 286 21.88 12.51 11.21
N THR A 287 21.73 12.08 9.95
CA THR A 287 22.29 10.80 9.51
C THR A 287 22.98 10.99 8.16
N GLN A 288 23.96 10.14 7.89
CA GLN A 288 24.68 10.21 6.62
C GLN A 288 24.65 8.84 5.91
N PRO A 289 24.73 8.87 4.60
CA PRO A 289 24.68 7.60 3.84
C PRO A 289 25.83 6.69 4.17
N TYR A 290 25.54 5.41 4.28
CA TYR A 290 26.56 4.43 4.61
C TYR A 290 26.83 3.46 3.46
N PHE A 291 26.00 3.47 2.42
CA PHE A 291 26.36 2.79 1.19
C PHE A 291 27.39 3.64 0.46
N THR A 292 28.36 2.96 -0.13
CA THR A 292 29.28 3.55 -1.09
C THR A 292 28.94 3.01 -2.46
N ALA A 293 29.73 3.39 -3.46
CA ALA A 293 29.57 2.88 -4.81
C ALA A 293 29.58 1.36 -4.86
N ARG A 294 30.29 0.77 -3.91
CA ARG A 294 30.38 -0.65 -3.87
C ARG A 294 29.03 -1.34 -3.62
N GLU A 295 28.33 -0.87 -2.61
CA GLU A 295 27.00 -1.36 -2.34
C GLU A 295 25.93 -0.97 -3.35
N THR A 296 25.98 0.26 -3.79
CA THR A 296 24.96 0.66 -4.76
C THR A 296 25.09 -0.12 -6.06
N ALA A 297 26.33 -0.48 -6.43
CA ALA A 297 26.55 -1.27 -7.64
C ALA A 297 25.95 -2.66 -7.55
N VAL A 298 25.98 -3.25 -6.37
CA VAL A 298 25.39 -4.58 -6.18
C VAL A 298 23.89 -4.51 -6.50
N PHE A 299 23.20 -3.53 -5.93
CA PHE A 299 21.77 -3.40 -6.16
C PHE A 299 21.46 -3.03 -7.60
N LYS A 300 22.29 -2.19 -8.20
CA LYS A 300 22.05 -1.77 -9.58
C LYS A 300 22.14 -2.99 -10.49
N ALA A 301 23.11 -3.83 -10.24
CA ALA A 301 23.27 -5.04 -11.07
C ALA A 301 22.07 -5.98 -10.98
N MET A 302 21.33 -5.92 -9.86
CA MET A 302 20.11 -6.72 -9.73
C MET A 302 18.87 -6.06 -10.27
N GLY A 303 19.01 -4.86 -10.83
CA GLY A 303 17.91 -4.17 -11.47
C GLY A 303 17.29 -3.10 -10.61
N LEU A 304 17.89 -2.84 -9.44
CA LEU A 304 17.40 -1.78 -8.56
C LEU A 304 18.34 -0.59 -8.56
N ASP A 305 17.93 0.47 -9.24
CA ASP A 305 18.67 1.71 -9.27
C ASP A 305 18.22 2.58 -8.11
N LEU A 306 19.03 2.58 -7.07
CA LEU A 306 18.72 3.29 -5.83
C LEU A 306 18.60 4.81 -5.97
N THR A 307 19.06 5.38 -7.09
CA THR A 307 18.83 6.80 -7.35
C THR A 307 17.37 7.05 -7.72
N LYS A 308 16.65 6.01 -8.12
CA LYS A 308 15.29 6.14 -8.61
C LYS A 308 14.26 5.42 -7.71
N ASP A 309 14.66 4.29 -7.09
CA ASP A 309 13.65 3.55 -6.34
C ASP A 309 14.34 2.56 -5.47
N SER A 310 13.60 2.16 -4.41
CA SER A 310 14.11 1.31 -3.35
C SER A 310 13.26 0.05 -3.15
N TYR A 311 12.25 -0.18 -3.99
CA TYR A 311 11.29 -1.29 -3.84
C TYR A 311 11.85 -2.63 -4.31
N PHE A 312 11.70 -3.67 -3.49
CA PHE A 312 12.18 -4.97 -3.86
C PHE A 312 11.10 -6.00 -3.47
N LYS A 313 10.57 -6.70 -4.45
CA LYS A 313 9.53 -7.65 -4.19
C LYS A 313 10.04 -8.75 -3.28
N TYR A 314 9.16 -9.29 -2.43
CA TYR A 314 9.56 -10.41 -1.57
C TYR A 314 10.14 -11.59 -2.35
N ASN A 315 9.52 -11.96 -3.46
CA ASN A 315 10.05 -13.10 -4.20
C ASN A 315 11.47 -12.84 -4.69
N ASP A 316 11.74 -11.62 -5.06
CA ASP A 316 13.09 -11.24 -5.45
C ASP A 316 14.04 -11.14 -4.25
N ILE A 317 13.56 -10.72 -3.08
CA ILE A 317 14.40 -10.76 -1.89
C ILE A 317 14.86 -12.21 -1.64
N VAL A 318 13.93 -13.15 -1.76
CA VAL A 318 14.28 -14.55 -1.56
C VAL A 318 15.28 -15.03 -2.64
N SER A 319 14.96 -14.82 -3.91
CA SER A 319 15.80 -15.38 -4.97
C SER A 319 17.14 -14.66 -5.15
N LYS A 320 17.14 -13.35 -5.03
CA LYS A 320 18.32 -12.57 -5.34
C LYS A 320 19.16 -12.13 -4.14
N LEU A 321 18.56 -11.99 -2.99
CA LEU A 321 19.30 -11.54 -1.83
C LEU A 321 19.59 -12.69 -0.87
N LEU A 322 18.55 -13.32 -0.32
CA LEU A 322 18.77 -14.44 0.59
C LEU A 322 19.58 -15.54 -0.09
N ASN A 323 19.24 -15.85 -1.33
CA ASN A 323 19.89 -16.90 -2.08
C ASN A 323 20.90 -16.41 -3.11
N ASP A 324 21.42 -15.21 -2.90
CA ASP A 324 22.57 -14.71 -3.66
C ASP A 324 23.68 -15.76 -3.70
N PRO A 325 24.08 -16.21 -4.91
CA PRO A 325 25.14 -17.21 -4.94
C PRO A 325 26.45 -16.79 -4.26
N GLN A 326 26.78 -15.51 -4.33
CA GLN A 326 27.98 -14.99 -3.69
C GLN A 326 27.86 -14.78 -2.17
N ARG A 327 26.68 -15.05 -1.63
CA ARG A 327 26.49 -15.05 -0.18
C ARG A 327 26.73 -13.65 0.40
N ARG A 328 26.37 -12.61 -0.35
CA ARG A 328 26.65 -11.25 0.10
C ARG A 328 25.72 -10.72 1.20
N PHE A 329 24.57 -11.37 1.38
CA PHE A 329 23.56 -10.88 2.29
C PHE A 329 23.36 -11.85 3.46
N THR A 330 23.37 -11.30 4.65
CA THR A 330 23.13 -12.09 5.87
C THR A 330 21.76 -11.76 6.45
N ALA A 331 20.99 -12.79 6.80
CA ALA A 331 19.66 -12.61 7.35
C ALA A 331 19.72 -12.43 8.86
N HIS A 332 18.93 -11.47 9.35
CA HIS A 332 18.82 -11.17 10.77
C HIS A 332 17.37 -10.95 11.13
N TRP A 333 17.11 -10.96 12.43
CA TRP A 333 15.79 -10.72 13.00
C TRP A 333 15.92 -9.58 14.01
N ASP A 334 15.01 -8.60 13.91
CA ASP A 334 14.95 -7.54 14.94
C ASP A 334 13.86 -7.90 15.89
N SER A 335 14.23 -8.26 17.12
N SER A 335 14.25 -8.23 17.12
CA SER A 335 13.26 -8.74 18.10
CA SER A 335 13.31 -8.72 18.10
C SER A 335 12.28 -7.65 18.54
C SER A 335 12.33 -7.67 18.59
N ASP A 336 12.70 -6.40 18.55
CA ASP A 336 11.80 -5.34 18.98
C ASP A 336 10.81 -4.98 17.86
N ALA A 337 11.33 -4.89 16.63
CA ALA A 337 10.52 -4.49 15.53
C ALA A 337 9.65 -5.61 15.01
N GLN A 338 10.04 -6.85 15.29
CA GLN A 338 9.33 -8.08 14.92
C GLN A 338 9.31 -8.30 13.41
N VAL A 339 10.44 -7.96 12.77
CA VAL A 339 10.58 -8.16 11.33
C VAL A 339 12.00 -8.55 11.01
N PRO A 340 12.20 -9.20 9.85
CA PRO A 340 13.51 -9.55 9.39
C PRO A 340 14.20 -8.39 8.65
N TYR A 341 15.52 -8.44 8.61
CA TYR A 341 16.29 -7.52 7.79
C TYR A 341 17.56 -8.20 7.34
N LEU A 342 18.15 -7.70 6.27
CA LEU A 342 19.44 -8.20 5.76
C LEU A 342 20.52 -7.17 5.94
N THR A 343 21.73 -7.66 6.16
CA THR A 343 22.92 -6.83 6.09
C THR A 343 23.83 -7.31 4.96
N MET A 344 24.65 -6.39 4.46
CA MET A 344 25.78 -6.71 3.59
C MET A 344 27.04 -6.21 4.28
N LYS A 345 28.16 -6.86 4.00
CA LYS A 345 29.41 -6.56 4.69
C LYS A 345 30.12 -5.45 3.93
N SER A 346 30.45 -4.37 4.61
CA SER A 346 31.27 -3.33 4.03
C SER A 346 32.66 -3.84 3.70
N ALA A 347 33.38 -3.10 2.86
CA ALA A 347 34.77 -3.44 2.58
C ALA A 347 35.58 -3.49 3.88
N GLU A 348 35.23 -2.66 4.85
CA GLU A 348 35.92 -2.63 6.14
C GLU A 348 35.53 -3.78 7.05
N GLY A 349 34.45 -4.49 6.73
CA GLY A 349 34.03 -5.67 7.50
C GLY A 349 32.76 -5.48 8.33
N LYS A 350 32.16 -4.30 8.27
CA LYS A 350 31.05 -3.92 9.15
C LYS A 350 29.74 -4.31 8.49
N PRO A 351 28.80 -4.89 9.26
CA PRO A 351 27.51 -5.11 8.62
C PRO A 351 26.80 -3.78 8.33
N LEU A 352 26.30 -3.62 7.12
CA LEU A 352 25.53 -2.46 6.72
C LEU A 352 24.08 -2.89 6.53
N PHE A 353 23.13 -2.13 7.07
CA PHE A 353 21.71 -2.45 7.00
C PHE A 353 21.21 -2.27 5.57
N ALA A 354 20.84 -3.36 4.91
CA ALA A 354 20.53 -3.30 3.48
C ALA A 354 19.05 -3.15 3.17
N ILE A 355 18.20 -3.87 3.89
CA ILE A 355 16.77 -3.93 3.56
C ILE A 355 16.02 -4.65 4.67
N SER A 356 14.85 -4.14 5.03
CA SER A 356 13.90 -4.90 5.85
C SER A 356 12.67 -5.24 5.04
N TYR A 357 11.96 -6.25 5.51
CA TYR A 357 10.87 -6.86 4.75
C TYR A 357 9.98 -7.67 5.69
N GLU A 358 9.14 -8.54 5.14
CA GLU A 358 8.30 -9.46 5.90
C GLU A 358 8.55 -10.87 5.44
N ASN A 359 8.66 -11.79 6.39
CA ASN A 359 8.78 -13.21 6.10
C ASN A 359 7.64 -13.94 6.79
N PRO A 360 7.56 -15.27 6.69
CA PRO A 360 6.41 -15.93 7.31
C PRO A 360 6.31 -15.66 8.83
N ARG A 361 7.42 -15.64 9.53
CA ARG A 361 7.40 -15.41 10.96
C ARG A 361 6.83 -14.02 11.28
N SER A 362 7.27 -13.00 10.54
CA SER A 362 6.79 -11.65 10.83
C SER A 362 5.33 -11.44 10.41
N VAL A 363 4.90 -12.09 9.33
CA VAL A 363 3.52 -12.04 8.92
C VAL A 363 2.63 -12.67 10.01
N ALA A 364 3.07 -13.80 10.56
CA ALA A 364 2.34 -14.46 11.65
C ALA A 364 2.26 -13.56 12.87
N LEU A 365 3.34 -12.86 13.19
CA LEU A 365 3.33 -11.94 14.33
C LEU A 365 2.37 -10.75 14.08
N LYS A 366 2.23 -10.31 12.83
CA LYS A 366 1.25 -9.26 12.54
C LYS A 366 -0.16 -9.81 12.62
N ALA A 367 -0.35 -11.07 12.26
CA ALA A 367 -1.65 -11.71 12.49
C ALA A 367 -1.98 -11.80 13.97
N ASP A 368 -1.00 -12.15 14.79
CA ASP A 368 -1.21 -12.22 16.24
C ASP A 368 -1.60 -10.85 16.77
N TYR A 369 -0.99 -9.80 16.23
CA TYR A 369 -1.34 -8.43 16.60
C TYR A 369 -2.78 -8.10 16.20
N ILE A 370 -3.16 -8.45 14.98
CA ILE A 370 -4.54 -8.30 14.52
C ILE A 370 -5.52 -8.93 15.52
N LYS A 371 -5.23 -10.16 15.93
CA LYS A 371 -6.07 -10.87 16.87
C LYS A 371 -6.13 -10.22 18.27
N SER A 372 -4.98 -9.83 18.81
CA SER A 372 -4.97 -9.23 20.14
C SER A 372 -5.53 -7.80 20.17
N LYS A 373 -5.41 -7.05 19.08
CA LYS A 373 -5.87 -5.67 18.99
C LYS A 373 -7.33 -5.61 18.53
N GLY A 374 -7.87 -6.71 18.08
CA GLY A 374 -9.25 -6.77 17.61
C GLY A 374 -9.47 -6.06 16.29
N LEU A 375 -8.47 -6.06 15.42
CA LEU A 375 -8.65 -5.52 14.09
C LEU A 375 -9.52 -6.47 13.28
N GLY A 376 -10.05 -5.95 12.17
CA GLY A 376 -10.94 -6.72 11.32
C GLY A 376 -10.24 -7.76 10.45
N GLY A 377 -8.96 -7.53 10.19
CA GLY A 377 -8.25 -8.42 9.31
C GLY A 377 -6.93 -7.83 8.87
N ALA A 378 -6.38 -8.48 7.85
CA ALA A 378 -5.17 -8.03 7.18
C ALA A 378 -5.49 -7.61 5.77
N MET A 379 -4.63 -6.74 5.25
CA MET A 379 -4.58 -6.44 3.81
C MET A 379 -3.13 -6.62 3.42
N PHE A 380 -2.86 -6.92 2.16
CA PHE A 380 -1.47 -6.93 1.74
C PHE A 380 -1.22 -6.33 0.36
N TRP A 381 -0.05 -5.73 0.21
CA TRP A 381 0.47 -5.25 -1.06
C TRP A 381 1.75 -6.02 -1.35
N GLU A 382 1.79 -6.80 -2.42
CA GLU A 382 0.69 -7.21 -3.27
C GLU A 382 0.97 -8.65 -3.72
N TYR A 383 -0.05 -9.33 -4.19
CA TYR A 383 0.03 -10.77 -4.31
C TYR A 383 1.04 -11.24 -5.36
N GLY A 384 1.29 -10.43 -6.39
CA GLY A 384 2.27 -10.78 -7.41
C GLY A 384 3.70 -10.82 -6.91
N ALA A 385 3.95 -10.26 -5.74
CA ALA A 385 5.28 -10.22 -5.14
C ALA A 385 5.51 -11.36 -4.16
N ASP A 386 4.50 -12.18 -3.90
CA ASP A 386 4.64 -13.32 -2.99
C ASP A 386 5.54 -14.36 -3.64
N ASP A 387 6.05 -15.27 -2.83
CA ASP A 387 6.92 -16.37 -3.26
C ASP A 387 6.07 -17.64 -3.19
N ASN A 388 5.54 -18.04 -4.33
CA ASN A 388 4.73 -19.23 -4.39
C ASN A 388 3.56 -19.17 -3.39
N ASN A 389 2.99 -17.98 -3.30
CA ASN A 389 1.85 -17.72 -2.42
C ASN A 389 2.12 -18.01 -0.93
N ARG A 390 3.38 -18.07 -0.55
CA ARG A 390 3.71 -18.43 0.82
C ARG A 390 3.31 -17.44 1.92
N LEU A 391 3.51 -16.17 1.69
CA LEU A 391 3.12 -15.20 2.72
C LEU A 391 1.60 -15.12 2.84
N ALA A 392 0.89 -15.17 1.72
CA ALA A 392 -0.56 -15.22 1.77
C ALA A 392 -1.03 -16.47 2.50
N HIS A 393 -0.36 -17.59 2.27
CA HIS A 393 -0.74 -18.82 2.96
C HIS A 393 -0.49 -18.70 4.46
N GLN A 394 0.61 -18.08 4.86
CA GLN A 394 0.86 -17.89 6.28
C GLN A 394 -0.23 -17.03 6.92
N LEU A 395 -0.59 -15.97 6.26
CA LEU A 395 -1.60 -15.12 6.76
C LEU A 395 -2.95 -15.86 6.87
N ALA A 396 -3.28 -16.67 5.87
CA ALA A 396 -4.53 -17.44 5.87
C ALA A 396 -4.56 -18.41 7.04
N GLU A 397 -3.46 -19.09 7.24
CA GLU A 397 -3.34 -19.99 8.37
C GLU A 397 -3.42 -19.33 9.71
N SER A 398 -2.72 -18.22 9.85
CA SER A 398 -2.70 -17.52 11.14
C SER A 398 -4.04 -16.90 11.47
N LEU A 399 -4.77 -16.46 10.46
CA LEU A 399 -6.06 -15.82 10.68
C LEU A 399 -7.24 -16.78 10.54
N GLY A 400 -7.00 -18.05 10.24
CA GLY A 400 -8.08 -19.03 10.15
C GLY A 400 -9.00 -18.81 8.97
N ILE A 401 -8.45 -18.28 7.87
CA ILE A 401 -9.22 -18.00 6.67
C ILE A 401 -9.69 -19.31 6.05
C ACT B . -1.60 0.48 -1.83
O ACT B . -1.59 1.34 -2.75
OXT ACT B . -0.54 0.17 -1.25
CH3 ACT B . -2.87 -0.17 -1.38
C1 GOL C . 0.62 8.41 -13.11
O1 GOL C . -0.62 7.66 -13.11
C2 GOL C . 0.46 9.61 -14.05
O2 GOL C . 0.33 9.03 -15.34
C3 GOL C . 1.68 10.53 -13.98
O3 GOL C . 1.42 11.85 -14.54
C1 GOL D . 2.66 0.69 -3.76
O1 GOL D . 3.91 0.60 -4.45
C2 GOL D . 2.65 0.33 -2.29
O2 GOL D . 1.86 1.25 -1.55
C3 GOL D . 4.07 0.26 -1.79
O3 GOL D . 4.59 1.55 -1.99
#